data_8TWU
#
_entry.id   8TWU
#
_cell.length_a   77.710
_cell.length_b   120.999
_cell.length_c   46.223
_cell.angle_alpha   90.000
_cell.angle_beta   90.000
_cell.angle_gamma   90.000
#
_symmetry.space_group_name_H-M   'P 21 21 21'
#
loop_
_entity.id
_entity.type
_entity.pdbx_description
1 polymer 'Cytochrome P450 AspB'
2 non-polymer 'PROTOPORPHYRIN IX CONTAINING FE'
3 non-polymer (3S,5S,8aS)-3-[(1-methyl-1H-indol-3-yl)methyl]hexahydropyrrolo[1,2-a]pyrazine-1,4-dione
4 non-polymer 'ZINC ION'
5 water water
#
_entity_poly.entity_id   1
_entity_poly.type   'polypeptide(L)'
_entity_poly.pdbx_seq_one_letter_code
;MTTTATLTYPFHDWSQELSPRYAQLRASDAPVCPVVSEGTGDHLWLATRYAAAVELLEDPRLSSEAAIASGAPRQEPVEL
RAPGTRADGVAMLREAGLRSVLADGLGPRAVRRHQGWINDLAETLMSALASREGTFDLAADFVEPLSSALVSRTLLGELS
ADERDLLAHCADTGLRFCGVTHEEQVHAFTQMHEFFLEHARRLAGTPGEHLLKLIAEAPVDHGPLSDEALAEAGSLLVVA
GFPTSSGFLCGALLTLLRHPDAVQELHAHPERVPSAVEELLRYTPLSTGSVKRMATEDLEIDGVRIKVGEVVMVSLEAVN
HDPDAFEDPDVFRPGREGPMHFGFGRGRHFCPGNRLARCVIEATVRAVARRPGLRLAVAPEEISWHEGLFFRRPRAIPAT
WHHHHHH
;
_entity_poly.pdbx_strand_id   A
#
loop_
_chem_comp.id
_chem_comp.type
_chem_comp.name
_chem_comp.formula
HEM non-polymer 'PROTOPORPHYRIN IX CONTAINING FE' 'C34 H32 Fe N4 O4'
RQB non-polymer (3S,5S,8aS)-3-[(1-methyl-1H-indol-3-yl)methyl]hexahydropyrrolo[1,2-a]pyrazine-1,4-dione 'C17 H19 N3 O2'
ZN non-polymer 'ZINC ION' 'Zn 2'
#
# COMPACT_ATOMS: atom_id res chain seq x y z
N ALA A 5 -16.14 15.73 23.20
CA ALA A 5 -16.82 15.18 22.02
C ALA A 5 -15.84 14.88 20.89
N THR A 6 -14.63 15.43 20.97
CA THR A 6 -13.69 15.33 19.87
C THR A 6 -13.23 13.89 19.65
N LEU A 7 -13.23 13.48 18.39
CA LEU A 7 -12.97 12.10 17.99
C LEU A 7 -11.46 11.86 17.84
N THR A 8 -10.97 10.77 18.44
CA THR A 8 -9.57 10.42 18.29
C THR A 8 -9.37 9.57 17.04
N TYR A 9 -8.14 9.61 16.53
CA TYR A 9 -7.78 8.93 15.29
C TYR A 9 -6.52 8.11 15.52
N PRO A 10 -6.41 6.90 14.92
CA PRO A 10 -7.32 6.25 13.97
C PRO A 10 -8.48 5.49 14.63
N PHE A 11 -9.20 4.70 13.85
CA PHE A 11 -10.46 4.09 14.31
C PHE A 11 -10.33 2.62 14.64
N HIS A 12 -9.12 2.07 14.60
CA HIS A 12 -8.84 0.73 15.12
C HIS A 12 -9.60 -0.34 14.35
N ASP A 13 -9.90 -0.07 13.08
CA ASP A 13 -10.60 -1.06 12.25
C ASP A 13 -9.55 -1.89 11.51
N TRP A 14 -8.95 -2.85 12.24
CA TRP A 14 -7.82 -3.60 11.72
C TRP A 14 -8.21 -4.70 10.73
N SER A 15 -9.44 -5.18 10.79
CA SER A 15 -9.91 -6.17 9.84
C SER A 15 -10.51 -5.46 8.63
N GLN A 16 -11.10 -6.23 7.71
CA GLN A 16 -11.72 -5.60 6.56
C GLN A 16 -13.07 -4.99 6.89
N GLU A 17 -13.54 -5.08 8.13
CA GLU A 17 -14.79 -4.41 8.47
C GLU A 17 -14.48 -2.96 8.80
N LEU A 18 -14.93 -2.03 7.95
CA LEU A 18 -14.56 -0.64 8.14
C LEU A 18 -15.33 -0.02 9.31
N SER A 19 -14.66 0.89 10.00
CA SER A 19 -15.27 1.55 11.15
C SER A 19 -16.55 2.29 10.73
N PRO A 20 -17.60 2.24 11.55
CA PRO A 20 -18.78 3.09 11.27
C PRO A 20 -18.50 4.59 11.31
N ARG A 21 -17.32 5.00 11.81
CA ARG A 21 -17.00 6.42 11.89
C ARG A 21 -16.97 7.09 10.52
N TYR A 22 -16.55 6.39 9.46
CA TYR A 22 -16.47 7.04 8.16
C TYR A 22 -17.84 7.55 7.73
N ALA A 23 -18.86 6.70 7.83
CA ALA A 23 -20.22 7.12 7.46
C ALA A 23 -20.69 8.29 8.32
N GLN A 24 -20.32 8.31 9.60
CA GLN A 24 -20.70 9.42 10.46
C GLN A 24 -20.08 10.72 9.97
N LEU A 25 -18.81 10.67 9.57
CA LEU A 25 -18.14 11.86 9.08
C LEU A 25 -18.62 12.25 7.69
N ARG A 26 -18.89 11.26 6.83
CA ARG A 26 -19.37 11.60 5.49
C ARG A 26 -20.71 12.29 5.56
N ALA A 27 -21.51 11.96 6.59
CA ALA A 27 -22.82 12.58 6.78
C ALA A 27 -22.71 14.00 7.33
N SER A 28 -21.61 14.33 7.99
CA SER A 28 -21.39 15.72 8.39
C SER A 28 -21.42 16.63 7.16
N ASP A 29 -21.75 17.90 7.40
CA ASP A 29 -21.88 18.81 6.26
C ASP A 29 -20.51 19.22 5.72
N ALA A 30 -19.51 19.39 6.60
CA ALA A 30 -18.23 19.97 6.22
C ALA A 30 -17.40 18.98 5.40
N PRO A 31 -16.58 19.50 4.47
CA PRO A 31 -15.70 18.60 3.69
C PRO A 31 -14.56 18.01 4.49
N VAL A 32 -14.15 18.63 5.60
CA VAL A 32 -13.18 18.07 6.53
C VAL A 32 -13.76 18.19 7.93
N CYS A 33 -13.45 17.20 8.77
CA CYS A 33 -13.90 17.17 10.13
C CYS A 33 -12.70 17.10 11.07
N PRO A 34 -12.74 17.78 12.22
CA PRO A 34 -11.61 17.75 13.15
C PRO A 34 -11.50 16.41 13.88
N VAL A 35 -10.27 15.89 13.98
CA VAL A 35 -9.96 14.75 14.83
C VAL A 35 -8.67 15.07 15.58
N VAL A 36 -8.37 14.25 16.58
N VAL A 36 -8.35 14.22 16.56
CA VAL A 36 -7.13 14.37 17.35
CA VAL A 36 -7.15 14.37 17.37
C VAL A 36 -6.39 13.05 17.27
C VAL A 36 -6.38 13.05 17.36
N SER A 37 -5.07 13.13 17.08
CA SER A 37 -4.25 11.93 17.08
C SER A 37 -4.27 11.27 18.45
N GLU A 38 -4.54 9.97 18.49
CA GLU A 38 -4.51 9.29 19.77
C GLU A 38 -3.10 9.28 20.36
N GLY A 39 -2.08 9.20 19.51
CA GLY A 39 -0.71 9.16 19.96
C GLY A 39 -0.14 10.50 20.38
N THR A 40 -0.13 11.47 19.47
CA THR A 40 0.52 12.75 19.74
C THR A 40 -0.41 13.80 20.32
N GLY A 41 -1.73 13.63 20.18
CA GLY A 41 -2.67 14.65 20.55
C GLY A 41 -2.76 15.80 19.57
N ASP A 42 -2.07 15.70 18.43
CA ASP A 42 -2.16 16.73 17.41
C ASP A 42 -3.58 16.82 16.88
N HIS A 43 -4.01 18.02 16.55
N HIS A 43 -4.02 18.04 16.62
CA HIS A 43 -5.31 18.21 15.93
CA HIS A 43 -5.26 18.24 15.88
CA HIS A 43 -5.74 18.95 16.20
C HIS A 43 -5.14 18.16 14.41
C HIS A 43 -5.00 17.95 14.41
N LEU A 44 -5.97 17.34 13.76
CA LEU A 44 -5.86 17.06 12.33
C LEU A 44 -7.23 17.27 11.67
N TRP A 45 -7.21 17.61 10.38
CA TRP A 45 -8.41 17.60 9.55
C TRP A 45 -8.53 16.26 8.85
N LEU A 46 -9.75 15.76 8.71
CA LEU A 46 -9.98 14.46 8.08
C LEU A 46 -11.11 14.57 7.06
N ALA A 47 -10.80 14.24 5.80
CA ALA A 47 -11.82 14.14 4.76
C ALA A 47 -12.18 12.68 4.51
N THR A 48 -13.48 12.42 4.28
CA THR A 48 -13.99 11.08 4.07
C THR A 48 -14.87 10.98 2.84
N ARG A 49 -15.24 12.12 2.27
CA ARG A 49 -16.09 12.15 1.08
C ARG A 49 -15.25 12.22 -0.18
N TYR A 50 -15.67 11.44 -1.19
CA TYR A 50 -15.04 11.42 -2.51
C TYR A 50 -14.91 12.83 -3.10
N ALA A 51 -16.00 13.60 -3.07
CA ALA A 51 -15.96 14.96 -3.63
C ALA A 51 -14.90 15.81 -2.93
N ALA A 52 -14.91 15.80 -1.61
CA ALA A 52 -13.90 16.56 -0.87
C ALA A 52 -12.49 16.05 -1.17
N ALA A 53 -12.32 14.73 -1.28
CA ALA A 53 -11.00 14.15 -1.54
C ALA A 53 -10.45 14.61 -2.89
N VAL A 54 -11.28 14.64 -3.94
CA VAL A 54 -10.80 15.13 -5.23
C VAL A 54 -10.28 16.56 -5.10
N GLU A 55 -11.07 17.44 -4.50
CA GLU A 55 -10.64 18.84 -4.38
C GLU A 55 -9.38 18.96 -3.53
N LEU A 56 -9.32 18.26 -2.41
CA LEU A 56 -8.15 18.39 -1.54
C LEU A 56 -6.89 17.85 -2.21
N LEU A 57 -6.94 16.66 -2.82
CA LEU A 57 -5.72 16.07 -3.34
C LEU A 57 -5.31 16.66 -4.69
N GLU A 58 -6.14 17.51 -5.29
CA GLU A 58 -5.75 18.24 -6.49
C GLU A 58 -5.25 19.64 -6.19
N ASP A 59 -5.21 20.04 -4.92
CA ASP A 59 -4.91 21.42 -4.54
C ASP A 59 -3.40 21.62 -4.39
N PRO A 60 -2.77 22.54 -5.14
CA PRO A 60 -1.32 22.76 -4.98
C PRO A 60 -0.94 23.45 -3.66
N ARG A 61 -1.92 23.91 -2.87
CA ARG A 61 -1.64 24.56 -1.60
C ARG A 61 -1.45 23.57 -0.46
N LEU A 62 -1.61 22.28 -0.71
CA LEU A 62 -1.40 21.24 0.28
C LEU A 62 -0.16 20.46 -0.11
N SER A 63 0.81 20.34 0.79
CA SER A 63 2.12 19.79 0.49
C SER A 63 2.33 18.44 1.17
N SER A 64 2.74 17.44 0.40
CA SER A 64 3.11 16.15 0.99
C SER A 64 4.45 16.27 1.72
N GLU A 65 5.44 16.89 1.07
CA GLU A 65 6.75 17.03 1.67
C GLU A 65 6.67 17.68 3.06
N ALA A 66 5.88 18.75 3.17
CA ALA A 66 5.79 19.45 4.44
C ALA A 66 5.14 18.62 5.53
N ALA A 67 4.21 17.72 5.17
CA ALA A 67 3.59 16.87 6.20
C ALA A 67 4.49 15.70 6.60
N ILE A 68 5.46 15.35 5.75
CA ILE A 68 6.42 14.30 6.09
C ILE A 68 7.53 14.84 7.00
N ALA A 69 7.83 16.14 6.91
CA ALA A 69 8.96 16.71 7.63
C ALA A 69 8.83 16.50 9.14
N SER A 70 9.97 16.28 9.79
CA SER A 70 9.98 16.19 11.25
C SER A 70 9.30 17.40 11.85
N GLY A 71 8.49 17.18 12.89
CA GLY A 71 7.81 18.26 13.60
C GLY A 71 6.40 18.55 13.13
N ALA A 72 6.02 18.07 11.95
CA ALA A 72 4.65 18.26 11.47
C ALA A 72 3.64 17.63 12.43
N PRO A 73 2.45 18.24 12.59
CA PRO A 73 1.34 17.52 13.22
C PRO A 73 1.16 16.19 12.52
N ARG A 74 0.95 15.11 13.28
CA ARG A 74 0.94 13.80 12.66
C ARG A 74 -0.07 12.87 13.32
N GLN A 75 -0.49 11.87 12.54
CA GLN A 75 -1.42 10.84 13.01
C GLN A 75 -0.71 9.67 13.68
N GLU A 76 0.54 9.41 13.32
CA GLU A 76 1.27 8.23 13.77
C GLU A 76 1.99 8.50 15.10
N PRO A 77 2.18 7.46 15.91
CA PRO A 77 2.68 7.68 17.27
C PRO A 77 4.14 8.08 17.34
N VAL A 78 4.97 7.62 16.42
N VAL A 78 4.97 7.65 16.40
CA VAL A 78 6.37 8.00 16.35
CA VAL A 78 6.40 7.96 16.37
C VAL A 78 6.66 8.51 14.94
C VAL A 78 6.77 8.36 14.95
N GLU A 79 7.69 9.33 14.82
CA GLU A 79 8.11 9.77 13.50
C GLU A 79 8.61 8.57 12.70
N LEU A 80 8.24 8.54 11.42
CA LEU A 80 8.54 7.40 10.55
C LEU A 80 9.91 7.61 9.88
N ARG A 81 10.95 7.56 10.71
CA ARG A 81 12.28 7.85 10.20
C ARG A 81 13.32 7.41 11.22
N ALA A 82 14.51 7.12 10.71
CA ALA A 82 15.70 7.14 11.56
C ALA A 82 15.89 8.56 12.08
N PRO A 83 16.00 8.76 13.39
CA PRO A 83 16.07 10.13 13.91
C PRO A 83 17.23 10.90 13.26
N GLY A 84 16.98 12.18 12.99
CA GLY A 84 17.97 13.03 12.37
C GLY A 84 18.08 12.92 10.86
N THR A 85 17.34 12.01 10.22
CA THR A 85 17.38 11.88 8.77
C THR A 85 16.15 12.53 8.15
N ARG A 86 16.28 12.90 6.87
CA ARG A 86 15.14 13.50 6.17
C ARG A 86 14.05 12.46 5.92
N ALA A 87 14.44 11.26 5.46
CA ALA A 87 13.50 10.16 5.28
C ALA A 87 12.33 10.55 4.38
N ASP A 88 12.66 11.12 3.24
CA ASP A 88 11.65 11.51 2.25
C ASP A 88 12.22 11.18 0.87
N GLY A 89 12.14 9.89 0.52
CA GLY A 89 12.72 9.43 -0.73
C GLY A 89 12.19 10.16 -1.95
N VAL A 90 10.90 10.54 -1.93
CA VAL A 90 10.33 11.25 -3.07
C VAL A 90 11.02 12.61 -3.25
N ALA A 91 11.10 13.39 -2.16
CA ALA A 91 11.80 14.67 -2.21
C ALA A 91 13.26 14.48 -2.61
N MET A 92 13.92 13.46 -2.06
CA MET A 92 15.27 13.11 -2.47
C MET A 92 15.40 12.97 -3.99
N LEU A 93 14.56 12.13 -4.60
CA LEU A 93 14.71 11.90 -6.02
C LEU A 93 14.42 13.17 -6.81
N ARG A 94 13.43 13.96 -6.37
CA ARG A 94 13.15 15.25 -6.99
C ARG A 94 14.37 16.16 -6.90
N GLU A 95 14.96 16.27 -5.70
CA GLU A 95 16.14 17.09 -5.48
C GLU A 95 17.29 16.65 -6.38
N ALA A 96 17.55 15.35 -6.44
CA ALA A 96 18.61 14.78 -7.26
C ALA A 96 18.35 14.90 -8.75
N GLY A 97 17.21 15.44 -9.17
CA GLY A 97 16.84 15.43 -10.58
C GLY A 97 16.64 14.06 -11.16
N LEU A 98 16.05 13.14 -10.39
CA LEU A 98 15.92 11.75 -10.82
C LEU A 98 14.47 11.30 -10.97
N ARG A 99 13.51 12.24 -11.03
CA ARG A 99 12.11 11.86 -11.22
C ARG A 99 11.93 10.95 -12.42
N SER A 100 12.67 11.22 -13.51
CA SER A 100 12.53 10.41 -14.71
C SER A 100 13.02 8.99 -14.52
N VAL A 101 13.98 8.78 -13.62
CA VAL A 101 14.47 7.42 -13.39
C VAL A 101 13.38 6.58 -12.74
N LEU A 102 12.66 7.17 -11.80
CA LEU A 102 11.55 6.47 -11.16
C LEU A 102 10.43 6.20 -12.15
N ALA A 103 10.06 7.22 -12.92
CA ALA A 103 9.02 7.04 -13.93
C ALA A 103 9.41 5.95 -14.92
N ASP A 104 10.66 5.96 -15.37
CA ASP A 104 11.10 4.99 -16.35
C ASP A 104 11.18 3.59 -15.75
N GLY A 105 11.67 3.47 -14.51
CA GLY A 105 11.79 2.18 -13.87
C GLY A 105 10.50 1.61 -13.32
N LEU A 106 9.41 2.38 -13.34
CA LEU A 106 8.11 1.86 -12.92
C LEU A 106 7.08 1.95 -14.03
N GLY A 107 7.44 2.50 -15.19
CA GLY A 107 6.47 2.78 -16.23
C GLY A 107 6.11 1.56 -17.04
N PRO A 108 5.30 1.78 -18.07
CA PRO A 108 4.84 0.64 -18.87
C PRO A 108 5.97 -0.13 -19.53
N ARG A 109 7.13 0.50 -19.79
CA ARG A 109 8.27 -0.27 -20.29
C ARG A 109 8.78 -1.24 -19.24
N ALA A 110 8.91 -0.77 -18.00
CA ALA A 110 9.32 -1.66 -16.92
C ALA A 110 8.31 -2.79 -16.74
N VAL A 111 7.02 -2.48 -16.77
CA VAL A 111 6.01 -3.53 -16.63
C VAL A 111 6.17 -4.57 -17.73
N ARG A 112 6.39 -4.13 -18.97
CA ARG A 112 6.57 -5.06 -20.07
C ARG A 112 7.78 -5.95 -19.83
N ARG A 113 8.81 -5.44 -19.18
CA ARG A 113 9.97 -6.27 -18.90
C ARG A 113 9.70 -7.31 -17.82
N HIS A 114 8.81 -7.02 -16.86
CA HIS A 114 8.65 -7.92 -15.71
C HIS A 114 7.38 -8.78 -15.75
N GLN A 115 6.39 -8.45 -16.59
CA GLN A 115 5.10 -9.14 -16.48
C GLN A 115 5.22 -10.63 -16.79
N GLY A 116 6.11 -11.01 -17.71
CA GLY A 116 6.35 -12.42 -17.96
C GLY A 116 6.69 -13.23 -16.71
N TRP A 117 7.75 -12.88 -15.99
CA TRP A 117 8.09 -13.70 -14.83
C TRP A 117 7.08 -13.52 -13.71
N ILE A 118 6.48 -12.34 -13.60
CA ILE A 118 5.47 -12.15 -12.55
C ILE A 118 4.31 -13.12 -12.76
N ASN A 119 3.85 -13.25 -14.01
CA ASN A 119 2.78 -14.18 -14.30
C ASN A 119 3.24 -15.62 -14.16
N ASP A 120 4.46 -15.94 -14.64
CA ASP A 120 4.98 -17.29 -14.44
C ASP A 120 5.08 -17.63 -12.96
N LEU A 121 5.52 -16.68 -12.14
CA LEU A 121 5.71 -16.96 -10.73
C LEU A 121 4.37 -17.14 -10.02
N ALA A 122 3.41 -16.27 -10.31
CA ALA A 122 2.06 -16.48 -9.78
C ALA A 122 1.57 -17.87 -10.13
N GLU A 123 1.78 -18.31 -11.38
CA GLU A 123 1.33 -19.64 -11.79
C GLU A 123 2.14 -20.73 -11.10
N THR A 124 3.45 -20.53 -10.93
CA THR A 124 4.26 -21.51 -10.22
C THR A 124 3.78 -21.68 -8.79
N LEU A 125 3.52 -20.56 -8.11
CA LEU A 125 3.13 -20.63 -6.70
C LEU A 125 1.75 -21.27 -6.55
N MET A 126 0.81 -20.92 -7.42
CA MET A 126 -0.52 -21.50 -7.32
C MET A 126 -0.54 -22.98 -7.73
N SER A 127 0.09 -23.33 -8.84
CA SER A 127 0.09 -24.75 -9.21
C SER A 127 0.80 -25.59 -8.17
N ALA A 128 1.81 -25.04 -7.51
CA ALA A 128 2.47 -25.77 -6.43
C ALA A 128 1.48 -26.11 -5.30
N LEU A 129 0.48 -25.25 -5.08
CA LEU A 129 -0.48 -25.52 -4.02
C LEU A 129 -1.50 -26.59 -4.41
N ALA A 130 -1.59 -26.97 -5.69
CA ALA A 130 -2.55 -27.98 -6.11
C ALA A 130 -2.30 -29.33 -5.42
N SER A 131 -1.08 -29.58 -4.97
CA SER A 131 -0.74 -30.85 -4.35
C SER A 131 -1.19 -30.93 -2.89
N ARG A 132 -1.64 -29.83 -2.30
CA ARG A 132 -1.97 -29.86 -0.89
C ARG A 132 -3.36 -30.45 -0.69
N GLU A 133 -3.40 -31.58 0.02
CA GLU A 133 -4.64 -32.06 0.59
C GLU A 133 -4.87 -31.32 1.90
N GLY A 134 -6.13 -31.06 2.20
CA GLY A 134 -6.36 -30.27 3.38
C GLY A 134 -5.88 -28.83 3.22
N THR A 135 -5.77 -28.14 4.34
CA THR A 135 -5.72 -26.69 4.37
C THR A 135 -4.30 -26.17 4.18
N PHE A 136 -4.18 -25.10 3.41
CA PHE A 136 -2.90 -24.45 3.15
C PHE A 136 -3.10 -22.95 3.29
N ASP A 137 -1.99 -22.22 3.44
CA ASP A 137 -2.04 -20.80 3.78
C ASP A 137 -1.61 -19.96 2.58
N LEU A 138 -2.58 -19.29 1.95
CA LEU A 138 -2.27 -18.46 0.77
C LEU A 138 -1.40 -17.26 1.13
N ALA A 139 -1.43 -16.81 2.38
CA ALA A 139 -0.59 -15.68 2.76
C ALA A 139 0.88 -16.08 2.81
N ALA A 140 1.17 -17.18 3.50
CA ALA A 140 2.54 -17.63 3.65
C ALA A 140 3.07 -18.22 2.34
N ASP A 141 2.23 -18.97 1.62
CA ASP A 141 2.76 -19.76 0.52
C ASP A 141 2.41 -19.21 -0.86
N PHE A 142 1.72 -18.08 -0.94
CA PHE A 142 1.53 -17.43 -2.23
C PHE A 142 1.93 -15.96 -2.14
N VAL A 143 1.30 -15.22 -1.22
CA VAL A 143 1.49 -13.76 -1.21
C VAL A 143 2.92 -13.39 -0.83
N GLU A 144 3.46 -13.99 0.24
N GLU A 144 3.44 -13.99 0.25
CA GLU A 144 4.79 -13.59 0.69
CA GLU A 144 4.79 -13.70 0.73
C GLU A 144 5.87 -13.88 -0.35
C GLU A 144 5.80 -13.86 -0.40
N PRO A 145 5.93 -15.06 -0.96
CA PRO A 145 6.95 -15.25 -2.02
C PRO A 145 6.73 -14.36 -3.23
N LEU A 146 5.47 -14.14 -3.63
CA LEU A 146 5.22 -13.27 -4.77
C LEU A 146 5.60 -11.82 -4.46
N SER A 147 5.23 -11.34 -3.26
CA SER A 147 5.58 -9.95 -2.92
CA SER A 147 5.58 -9.96 -2.88
C SER A 147 7.08 -9.80 -2.71
N SER A 148 7.73 -10.81 -2.12
CA SER A 148 9.18 -10.75 -1.95
C SER A 148 9.88 -10.69 -3.31
N ALA A 149 9.43 -11.50 -4.27
CA ALA A 149 10.05 -11.48 -5.59
C ALA A 149 9.85 -10.14 -6.28
N LEU A 150 8.65 -9.57 -6.17
CA LEU A 150 8.41 -8.23 -6.70
C LEU A 150 9.40 -7.22 -6.15
N VAL A 151 9.54 -7.18 -4.82
CA VAL A 151 10.41 -6.18 -4.21
C VAL A 151 11.87 -6.40 -4.61
N SER A 152 12.32 -7.65 -4.64
N SER A 152 12.34 -7.65 -4.60
CA SER A 152 13.72 -7.92 -4.93
CA SER A 152 13.74 -7.91 -4.94
C SER A 152 14.04 -7.69 -6.41
C SER A 152 13.99 -7.62 -6.42
N ARG A 153 13.17 -8.21 -7.29
CA ARG A 153 13.47 -8.19 -8.72
C ARG A 153 13.16 -6.85 -9.38
N THR A 154 12.19 -6.08 -8.89
N THR A 154 12.22 -6.08 -8.85
CA THR A 154 11.90 -4.79 -9.52
CA THR A 154 11.83 -4.83 -9.46
C THR A 154 12.40 -3.59 -8.72
C THR A 154 12.28 -3.60 -8.69
N LEU A 155 12.67 -3.73 -7.42
CA LEU A 155 12.95 -2.57 -6.59
C LEU A 155 14.36 -2.55 -6.03
N LEU A 156 14.76 -3.57 -5.26
CA LEU A 156 15.96 -3.50 -4.44
C LEU A 156 17.15 -4.27 -5.00
N GLY A 157 16.93 -5.35 -5.73
CA GLY A 157 18.03 -6.21 -6.12
C GLY A 157 17.96 -7.55 -5.42
N GLU A 158 18.96 -8.36 -5.70
CA GLU A 158 18.98 -9.72 -5.17
C GLU A 158 19.07 -9.64 -3.65
N LEU A 159 18.04 -10.11 -2.95
CA LEU A 159 18.05 -10.15 -1.50
C LEU A 159 18.19 -11.60 -1.03
N SER A 160 19.01 -11.79 -0.02
CA SER A 160 19.00 -13.07 0.66
C SER A 160 17.70 -13.23 1.45
N ALA A 161 17.40 -14.47 1.84
CA ALA A 161 16.23 -14.74 2.67
C ALA A 161 16.29 -13.98 3.99
N ASP A 162 17.47 -13.93 4.63
CA ASP A 162 17.60 -13.18 5.88
C ASP A 162 17.40 -11.68 5.65
N GLU A 163 17.90 -11.15 4.54
CA GLU A 163 17.72 -9.72 4.27
C GLU A 163 16.26 -9.42 4.01
N ARG A 164 15.59 -10.27 3.23
CA ARG A 164 14.15 -10.14 3.02
C ARG A 164 13.40 -10.15 4.35
N ASP A 165 13.69 -11.13 5.21
CA ASP A 165 13.07 -11.21 6.53
C ASP A 165 13.30 -9.93 7.33
N LEU A 166 14.53 -9.41 7.33
N LEU A 166 14.53 -9.40 7.32
CA LEU A 166 14.84 -8.20 8.06
CA LEU A 166 14.81 -8.19 8.08
C LEU A 166 13.97 -7.03 7.58
C LEU A 166 13.96 -7.03 7.58
N LEU A 167 13.96 -6.81 6.26
CA LEU A 167 13.23 -5.69 5.70
C LEU A 167 11.74 -5.84 5.95
N ALA A 168 11.21 -7.04 5.79
CA ALA A 168 9.79 -7.26 6.07
C ALA A 168 9.48 -6.98 7.53
N HIS A 169 10.37 -7.40 8.44
CA HIS A 169 10.17 -7.14 9.86
C HIS A 169 10.21 -5.64 10.16
N CYS A 170 11.16 -4.92 9.58
CA CYS A 170 11.21 -3.48 9.80
C CYS A 170 9.93 -2.79 9.34
N ALA A 171 9.42 -3.19 8.18
CA ALA A 171 8.19 -2.55 7.70
C ALA A 171 7.03 -2.83 8.64
N ASP A 172 6.86 -4.08 9.07
CA ASP A 172 5.75 -4.42 9.96
C ASP A 172 5.92 -3.80 11.33
N THR A 173 7.15 -3.62 11.79
CA THR A 173 7.36 -3.06 13.12
C THR A 173 7.28 -1.52 13.10
N GLY A 174 7.75 -0.88 12.03
CA GLY A 174 7.74 0.57 11.97
C GLY A 174 6.42 1.17 11.55
N LEU A 175 5.65 0.47 10.71
CA LEU A 175 4.48 1.05 10.07
C LEU A 175 3.23 0.65 10.86
N ARG A 176 3.09 1.26 12.05
CA ARG A 176 2.10 0.83 13.03
C ARG A 176 1.57 2.03 13.81
N PHE A 177 0.28 1.95 14.18
CA PHE A 177 -0.31 2.84 15.18
C PHE A 177 -0.11 2.32 16.60
N CYS A 178 0.07 1.00 16.78
CA CYS A 178 0.18 0.38 18.08
C CYS A 178 0.66 -1.05 17.90
N GLY A 179 0.91 -1.72 19.03
CA GLY A 179 1.34 -3.10 19.05
C GLY A 179 2.83 -3.31 19.28
N VAL A 180 3.62 -2.24 19.31
CA VAL A 180 5.03 -2.29 19.66
C VAL A 180 5.31 -1.04 20.49
N THR A 181 6.40 -1.07 21.25
CA THR A 181 6.75 0.13 22.00
C THR A 181 7.39 1.15 21.07
N HIS A 182 7.42 2.41 21.53
CA HIS A 182 8.02 3.48 20.75
C HIS A 182 9.47 3.16 20.38
N GLU A 183 10.24 2.62 21.33
N GLU A 183 10.24 2.60 21.32
CA GLU A 183 11.64 2.33 21.02
CA GLU A 183 11.65 2.32 21.03
C GLU A 183 11.75 1.23 19.96
C GLU A 183 11.77 1.22 19.98
N GLU A 184 10.90 0.21 20.04
CA GLU A 184 10.92 -0.84 19.02
C GLU A 184 10.55 -0.27 17.66
N GLN A 185 9.61 0.68 17.64
CA GLN A 185 9.18 1.29 16.37
C GLN A 185 10.30 2.15 15.78
N VAL A 186 10.95 2.96 16.60
CA VAL A 186 12.11 3.71 16.11
C VAL A 186 13.17 2.75 15.58
N HIS A 187 13.43 1.68 16.32
CA HIS A 187 14.48 0.72 15.95
C HIS A 187 14.19 0.08 14.60
N ALA A 188 12.90 -0.08 14.26
CA ALA A 188 12.59 -0.58 12.91
C ALA A 188 13.20 0.33 11.84
N PHE A 189 13.08 1.65 12.01
CA PHE A 189 13.58 2.57 10.99
C PHE A 189 15.09 2.71 11.05
N THR A 190 15.68 2.71 12.24
CA THR A 190 17.13 2.83 12.30
C THR A 190 17.80 1.56 11.79
N GLN A 191 17.21 0.40 12.06
CA GLN A 191 17.75 -0.85 11.52
C GLN A 191 17.67 -0.88 10.00
N MET A 192 16.52 -0.49 9.44
CA MET A 192 16.42 -0.38 7.98
C MET A 192 17.42 0.62 7.41
N HIS A 193 17.55 1.78 8.04
CA HIS A 193 18.49 2.78 7.54
C HIS A 193 19.93 2.25 7.61
N GLU A 194 20.33 1.68 8.74
CA GLU A 194 21.69 1.19 8.85
C GLU A 194 21.95 0.07 7.85
N PHE A 195 20.95 -0.78 7.61
CA PHE A 195 21.09 -1.82 6.61
C PHE A 195 21.42 -1.22 5.24
N PHE A 196 20.65 -0.22 4.82
CA PHE A 196 20.88 0.35 3.49
C PHE A 196 22.13 1.20 3.45
N LEU A 197 22.49 1.85 4.56
CA LEU A 197 23.78 2.54 4.54
C LEU A 197 24.90 1.57 4.17
N GLU A 198 24.85 0.34 4.69
CA GLU A 198 25.91 -0.61 4.38
C GLU A 198 25.73 -1.23 2.99
N HIS A 199 24.51 -1.60 2.61
CA HIS A 199 24.30 -2.54 1.53
C HIS A 199 23.67 -1.97 0.27
N ALA A 200 23.14 -0.74 0.28
CA ALA A 200 22.41 -0.26 -0.88
C ALA A 200 23.28 -0.27 -2.14
N ARG A 201 24.54 0.18 -2.05
CA ARG A 201 25.37 0.16 -3.26
C ARG A 201 25.57 -1.27 -3.76
N ARG A 202 25.85 -2.21 -2.86
CA ARG A 202 26.01 -3.61 -3.27
C ARG A 202 24.73 -4.13 -3.91
N LEU A 203 23.59 -3.93 -3.26
CA LEU A 203 22.32 -4.35 -3.87
C LEU A 203 22.14 -3.72 -5.25
N ALA A 204 22.42 -2.43 -5.37
CA ALA A 204 22.26 -1.76 -6.66
C ALA A 204 23.13 -2.40 -7.74
N GLY A 205 24.23 -3.03 -7.36
CA GLY A 205 25.09 -3.66 -8.34
C GLY A 205 24.77 -5.11 -8.67
N THR A 206 23.82 -5.72 -7.97
CA THR A 206 23.49 -7.09 -8.27
C THR A 206 22.82 -7.15 -9.64
N PRO A 207 22.77 -8.33 -10.26
CA PRO A 207 22.21 -8.42 -11.62
C PRO A 207 20.71 -8.13 -11.62
N GLY A 208 20.22 -7.73 -12.79
CA GLY A 208 18.83 -7.35 -12.96
C GLY A 208 18.67 -5.86 -13.23
N GLU A 209 17.43 -5.46 -13.49
CA GLU A 209 17.09 -4.08 -13.83
C GLU A 209 16.29 -3.40 -12.72
N HIS A 210 16.47 -3.83 -11.48
CA HIS A 210 15.71 -3.27 -10.37
C HIS A 210 15.93 -1.76 -10.26
N LEU A 211 14.96 -1.09 -9.65
CA LEU A 211 14.97 0.37 -9.58
C LEU A 211 16.18 0.91 -8.82
N LEU A 212 16.58 0.26 -7.74
CA LEU A 212 17.73 0.77 -6.99
C LEU A 212 18.97 0.82 -7.88
N LYS A 213 19.13 -0.16 -8.78
CA LYS A 213 20.24 -0.11 -9.72
C LYS A 213 20.14 1.11 -10.62
N LEU A 214 18.97 1.35 -11.20
CA LEU A 214 18.77 2.52 -12.05
C LEU A 214 19.07 3.81 -11.30
N ILE A 215 18.67 3.89 -10.03
CA ILE A 215 18.92 5.11 -9.28
C ILE A 215 20.41 5.29 -9.04
N ALA A 216 21.08 4.22 -8.63
CA ALA A 216 22.48 4.33 -8.25
C ALA A 216 23.36 4.65 -9.46
N GLU A 217 22.93 4.26 -10.64
CA GLU A 217 23.70 4.45 -11.86
C GLU A 217 23.38 5.75 -12.59
N ALA A 218 22.38 6.51 -12.14
CA ALA A 218 21.94 7.71 -12.85
C ALA A 218 22.86 8.89 -12.55
N PRO A 219 23.31 9.62 -13.57
CA PRO A 219 24.11 10.83 -13.32
C PRO A 219 23.36 11.87 -12.51
N VAL A 220 24.05 12.44 -11.51
CA VAL A 220 23.55 13.57 -10.73
C VAL A 220 24.67 14.58 -10.53
N ASP A 221 24.36 15.65 -9.82
CA ASP A 221 25.31 16.71 -9.58
C ASP A 221 26.33 16.31 -8.53
N HIS A 222 27.60 16.65 -8.76
CA HIS A 222 28.68 16.44 -7.81
C HIS A 222 28.89 14.99 -7.42
N GLY A 223 29.57 14.23 -8.28
CA GLY A 223 29.94 12.88 -7.97
C GLY A 223 28.75 11.93 -7.92
N PRO A 224 29.02 10.65 -7.66
CA PRO A 224 27.94 9.68 -7.47
C PRO A 224 27.00 10.05 -6.34
N LEU A 225 25.75 9.64 -6.48
CA LEU A 225 24.78 9.74 -5.39
C LEU A 225 25.34 9.10 -4.13
N SER A 226 25.20 9.79 -3.01
CA SER A 226 25.87 9.38 -1.78
C SER A 226 25.23 8.12 -1.19
N ASP A 227 25.98 7.47 -0.30
CA ASP A 227 25.44 6.33 0.41
C ASP A 227 24.20 6.70 1.20
N GLU A 228 24.18 7.92 1.74
CA GLU A 228 23.03 8.36 2.53
C GLU A 228 21.80 8.54 1.64
N ALA A 229 21.99 9.12 0.45
CA ALA A 229 20.89 9.29 -0.49
C ALA A 229 20.38 7.94 -1.00
N LEU A 230 21.28 7.02 -1.35
CA LEU A 230 20.82 5.68 -1.76
C LEU A 230 20.05 5.01 -0.62
N ALA A 231 20.54 5.13 0.60
CA ALA A 231 19.83 4.59 1.76
C ALA A 231 18.42 5.16 1.86
N GLU A 232 18.28 6.48 1.68
CA GLU A 232 16.95 7.11 1.72
C GLU A 232 16.05 6.51 0.65
N ALA A 233 16.59 6.26 -0.53
CA ALA A 233 15.81 5.58 -1.58
C ALA A 233 15.43 4.18 -1.15
N GLY A 234 16.35 3.45 -0.54
CA GLY A 234 16.05 2.09 -0.13
C GLY A 234 14.88 2.00 0.83
N SER A 235 14.89 2.84 1.88
CA SER A 235 13.81 2.79 2.85
C SER A 235 12.48 3.18 2.21
N LEU A 236 12.51 4.15 1.28
CA LEU A 236 11.27 4.52 0.59
C LEU A 236 10.71 3.31 -0.15
N LEU A 237 11.57 2.59 -0.88
CA LEU A 237 11.09 1.49 -1.70
C LEU A 237 10.53 0.35 -0.83
N VAL A 238 11.14 0.09 0.33
CA VAL A 238 10.62 -0.95 1.23
C VAL A 238 9.22 -0.57 1.71
N VAL A 239 9.05 0.64 2.23
CA VAL A 239 7.74 0.96 2.80
C VAL A 239 6.70 1.13 1.69
N ALA A 240 7.11 1.57 0.50
CA ALA A 240 6.16 1.76 -0.60
C ALA A 240 5.75 0.45 -1.28
N GLY A 241 6.63 -0.54 -1.31
CA GLY A 241 6.39 -1.70 -2.14
C GLY A 241 6.15 -3.00 -1.40
N PHE A 242 6.65 -3.10 -0.15
CA PHE A 242 6.59 -4.39 0.53
C PHE A 242 5.29 -4.62 1.29
N PRO A 243 4.99 -3.84 2.33
CA PRO A 243 3.77 -4.11 3.13
C PRO A 243 2.51 -3.75 2.37
N THR A 244 2.64 -2.88 1.37
CA THR A 244 1.50 -2.53 0.53
C THR A 244 1.13 -3.70 -0.36
N SER A 245 2.13 -4.24 -1.09
CA SER A 245 1.89 -5.38 -1.96
C SER A 245 1.38 -6.57 -1.17
N SER A 246 2.02 -6.91 -0.04
CA SER A 246 1.57 -8.09 0.70
C SER A 246 0.21 -7.86 1.35
N GLY A 247 0.00 -6.68 1.95
CA GLY A 247 -1.32 -6.40 2.50
C GLY A 247 -2.41 -6.42 1.45
N PHE A 248 -2.15 -5.76 0.32
CA PHE A 248 -3.19 -5.69 -0.71
C PHE A 248 -3.48 -7.05 -1.31
N LEU A 249 -2.44 -7.80 -1.69
CA LEU A 249 -2.69 -9.11 -2.29
C LEU A 249 -3.40 -10.03 -1.31
N CYS A 250 -3.05 -9.97 -0.02
CA CYS A 250 -3.82 -10.73 0.97
C CYS A 250 -5.30 -10.32 0.97
N GLY A 251 -5.55 -9.02 1.06
CA GLY A 251 -6.93 -8.58 1.13
C GLY A 251 -7.68 -8.87 -0.15
N ALA A 252 -7.00 -8.80 -1.28
CA ALA A 252 -7.66 -9.07 -2.56
C ALA A 252 -7.99 -10.56 -2.71
N LEU A 253 -7.12 -11.44 -2.24
CA LEU A 253 -7.45 -12.86 -2.23
C LEU A 253 -8.68 -13.13 -1.37
N LEU A 254 -8.75 -12.50 -0.20
CA LEU A 254 -9.93 -12.68 0.66
C LEU A 254 -11.17 -12.16 -0.05
N THR A 255 -11.08 -11.01 -0.72
CA THR A 255 -12.25 -10.52 -1.45
C THR A 255 -12.68 -11.52 -2.52
N LEU A 256 -11.73 -11.98 -3.34
CA LEU A 256 -12.07 -12.96 -4.37
C LEU A 256 -12.70 -14.20 -3.76
N LEU A 257 -12.07 -14.76 -2.74
CA LEU A 257 -12.56 -16.04 -2.23
C LEU A 257 -13.90 -15.89 -1.50
N ARG A 258 -14.24 -14.69 -1.03
CA ARG A 258 -15.57 -14.42 -0.49
C ARG A 258 -16.61 -14.23 -1.59
N HIS A 259 -16.20 -14.13 -2.84
CA HIS A 259 -17.12 -13.94 -3.96
C HIS A 259 -16.85 -14.99 -5.02
N PRO A 260 -17.13 -16.26 -4.72
CA PRO A 260 -16.85 -17.33 -5.70
C PRO A 260 -17.59 -17.16 -7.00
N ASP A 261 -18.73 -16.44 -7.00
CA ASP A 261 -19.41 -16.18 -8.27
C ASP A 261 -18.58 -15.27 -9.15
N ALA A 262 -17.98 -14.23 -8.56
CA ALA A 262 -17.06 -13.38 -9.31
C ALA A 262 -15.90 -14.20 -9.86
N VAL A 263 -15.36 -15.11 -9.06
CA VAL A 263 -14.24 -15.92 -9.53
C VAL A 263 -14.70 -16.77 -10.70
N GLN A 264 -15.88 -17.39 -10.57
CA GLN A 264 -16.37 -18.24 -11.65
C GLN A 264 -16.66 -17.43 -12.91
N GLU A 265 -17.15 -16.20 -12.76
CA GLU A 265 -17.38 -15.37 -13.93
C GLU A 265 -16.07 -15.03 -14.65
N LEU A 266 -15.03 -14.69 -13.88
CA LEU A 266 -13.73 -14.41 -14.49
C LEU A 266 -13.12 -15.66 -15.10
N HIS A 267 -13.40 -16.82 -14.51
CA HIS A 267 -12.92 -18.07 -15.10
C HIS A 267 -13.45 -18.23 -16.52
N ALA A 268 -14.73 -17.92 -16.72
CA ALA A 268 -15.36 -18.03 -18.03
C ALA A 268 -15.06 -16.83 -18.93
N HIS A 269 -14.66 -15.69 -18.36
CA HIS A 269 -14.45 -14.45 -19.11
C HIS A 269 -13.17 -13.75 -18.71
N PRO A 270 -12.03 -14.28 -19.12
CA PRO A 270 -10.76 -13.64 -18.76
C PRO A 270 -10.67 -12.21 -19.24
N GLU A 271 -11.44 -11.83 -20.26
CA GLU A 271 -11.36 -10.43 -20.70
C GLU A 271 -11.91 -9.47 -19.65
N ARG A 272 -12.65 -9.99 -18.67
CA ARG A 272 -13.19 -9.14 -17.61
C ARG A 272 -12.19 -8.94 -16.45
N VAL A 273 -11.02 -9.57 -16.51
CA VAL A 273 -10.11 -9.50 -15.37
C VAL A 273 -9.64 -8.09 -15.09
N PRO A 274 -9.27 -7.27 -16.10
CA PRO A 274 -8.80 -5.91 -15.77
C PRO A 274 -9.85 -5.10 -15.02
N SER A 275 -11.14 -5.25 -15.36
CA SER A 275 -12.17 -4.53 -14.63
CA SER A 275 -12.16 -4.52 -14.63
C SER A 275 -12.23 -4.99 -13.18
N ALA A 276 -12.03 -6.30 -12.95
CA ALA A 276 -12.03 -6.82 -11.59
C ALA A 276 -10.84 -6.30 -10.78
N VAL A 277 -9.68 -6.16 -11.43
CA VAL A 277 -8.50 -5.57 -10.78
C VAL A 277 -8.84 -4.18 -10.24
N GLU A 278 -9.47 -3.34 -11.08
CA GLU A 278 -9.83 -1.99 -10.63
C GLU A 278 -10.84 -2.03 -9.49
N GLU A 279 -11.84 -2.91 -9.57
CA GLU A 279 -12.80 -2.99 -8.48
C GLU A 279 -12.16 -3.53 -7.20
N LEU A 280 -11.19 -4.45 -7.33
CA LEU A 280 -10.44 -4.88 -6.15
C LEU A 280 -9.72 -3.71 -5.50
N LEU A 281 -9.16 -2.80 -6.32
CA LEU A 281 -8.45 -1.65 -5.76
C LEU A 281 -9.41 -0.67 -5.10
N ARG A 282 -10.65 -0.57 -5.57
CA ARG A 282 -11.62 0.27 -4.87
C ARG A 282 -12.13 -0.41 -3.59
N TYR A 283 -12.50 -1.69 -3.70
CA TYR A 283 -13.28 -2.36 -2.66
C TYR A 283 -12.42 -2.85 -1.51
N THR A 284 -11.21 -3.32 -1.78
CA THR A 284 -10.37 -3.94 -0.74
C THR A 284 -9.73 -2.85 0.10
N PRO A 285 -10.00 -2.79 1.41
CA PRO A 285 -9.45 -1.68 2.21
C PRO A 285 -8.03 -1.99 2.64
N LEU A 286 -7.09 -1.15 2.24
CA LEU A 286 -5.67 -1.44 2.50
C LEU A 286 -5.17 -0.76 3.76
N SER A 287 -5.30 0.56 3.84
CA SER A 287 -4.68 1.33 4.91
C SER A 287 -5.66 1.59 6.06
N THR A 288 -5.12 1.58 7.28
CA THR A 288 -5.86 1.97 8.47
C THR A 288 -5.64 3.43 8.84
N GLY A 289 -4.71 4.11 8.16
CA GLY A 289 -4.50 5.52 8.33
C GLY A 289 -4.93 6.30 7.10
N SER A 290 -4.40 7.52 6.97
CA SER A 290 -4.81 8.40 5.88
C SER A 290 -3.60 9.01 5.19
N VAL A 291 -3.74 9.27 3.88
CA VAL A 291 -2.74 10.11 3.22
C VAL A 291 -2.83 11.50 3.85
N LYS A 292 -1.73 12.26 3.80
CA LYS A 292 -1.79 13.52 4.50
C LYS A 292 -0.97 14.60 3.77
N ARG A 293 -1.37 15.84 4.00
CA ARG A 293 -0.79 17.01 3.37
C ARG A 293 -0.84 18.14 4.37
N MET A 294 0.13 19.04 4.29
CA MET A 294 0.20 20.24 5.11
C MET A 294 -0.16 21.44 4.26
N ALA A 295 -1.05 22.31 4.76
CA ALA A 295 -1.32 23.57 4.07
C ALA A 295 -0.09 24.48 4.14
N THR A 296 0.36 24.95 2.97
CA THR A 296 1.47 25.90 2.92
C THR A 296 1.01 27.35 2.84
N GLU A 297 -0.29 27.58 2.95
CA GLU A 297 -0.90 28.89 3.07
C GLU A 297 -2.34 28.67 3.51
N ASP A 298 -2.97 29.71 4.03
CA ASP A 298 -4.39 29.61 4.37
C ASP A 298 -5.20 29.29 3.12
N LEU A 299 -6.22 28.45 3.29
CA LEU A 299 -7.15 28.16 2.21
C LEU A 299 -8.51 27.87 2.83
N GLU A 300 -9.54 27.96 1.99
CA GLU A 300 -10.93 27.73 2.38
C GLU A 300 -11.55 26.76 1.39
N ILE A 301 -12.10 25.65 1.89
CA ILE A 301 -12.81 24.68 1.07
C ILE A 301 -14.23 24.59 1.58
N ASP A 302 -15.21 24.84 0.71
CA ASP A 302 -16.63 24.70 1.04
C ASP A 302 -16.92 25.22 2.45
N GLY A 303 -16.39 26.40 2.75
CA GLY A 303 -16.69 27.09 3.98
C GLY A 303 -15.67 26.94 5.09
N VAL A 304 -14.88 25.86 5.09
CA VAL A 304 -13.95 25.59 6.18
C VAL A 304 -12.63 26.28 5.91
N ARG A 305 -12.15 27.06 6.89
CA ARG A 305 -10.87 27.72 6.80
C ARG A 305 -9.79 26.79 7.34
N ILE A 306 -8.84 26.43 6.49
CA ILE A 306 -7.67 25.65 6.90
C ILE A 306 -6.47 26.59 6.92
N LYS A 307 -5.77 26.63 8.05
CA LYS A 307 -4.69 27.57 8.24
C LYS A 307 -3.35 26.95 7.87
N VAL A 308 -2.45 27.80 7.36
CA VAL A 308 -1.11 27.35 7.03
C VAL A 308 -0.54 26.58 8.22
N GLY A 309 0.11 25.46 7.91
CA GLY A 309 0.69 24.61 8.92
C GLY A 309 -0.19 23.48 9.39
N GLU A 310 -1.50 23.55 9.13
CA GLU A 310 -2.38 22.50 9.56
C GLU A 310 -2.32 21.32 8.59
N VAL A 311 -2.61 20.13 9.08
CA VAL A 311 -2.45 18.91 8.30
C VAL A 311 -3.83 18.38 7.94
N VAL A 312 -4.02 18.06 6.66
CA VAL A 312 -5.25 17.50 6.14
C VAL A 312 -5.00 16.05 5.76
N MET A 313 -5.84 15.15 6.29
CA MET A 313 -5.80 13.73 6.03
C MET A 313 -6.95 13.37 5.09
N VAL A 314 -6.72 12.40 4.20
CA VAL A 314 -7.79 11.83 3.38
C VAL A 314 -7.77 10.32 3.60
N SER A 315 -8.89 9.78 4.07
CA SER A 315 -9.01 8.32 4.20
C SER A 315 -9.44 7.76 2.87
N LEU A 316 -8.52 7.07 2.18
CA LEU A 316 -8.86 6.55 0.86
C LEU A 316 -9.93 5.47 0.96
N GLU A 317 -9.95 4.72 2.06
CA GLU A 317 -10.95 3.68 2.27
C GLU A 317 -12.34 4.30 2.40
N ALA A 318 -12.46 5.32 3.24
CA ALA A 318 -13.71 6.06 3.35
C ALA A 318 -14.19 6.57 2.00
N VAL A 319 -13.26 7.14 1.24
CA VAL A 319 -13.57 7.71 -0.07
C VAL A 319 -14.05 6.61 -1.03
N ASN A 320 -13.31 5.50 -1.08
CA ASN A 320 -13.67 4.39 -1.94
C ASN A 320 -14.99 3.73 -1.55
N HIS A 321 -15.51 4.02 -0.36
CA HIS A 321 -16.78 3.44 0.08
C HIS A 321 -17.86 4.51 0.26
N ASP A 322 -17.69 5.64 -0.40
CA ASP A 322 -18.63 6.76 -0.33
C ASP A 322 -19.83 6.48 -1.24
N PRO A 323 -21.03 6.31 -0.68
CA PRO A 323 -22.18 5.96 -1.54
C PRO A 323 -22.57 7.07 -2.50
N ASP A 324 -22.11 8.30 -2.27
N ASP A 324 -22.14 8.31 -2.27
CA ASP A 324 -22.36 9.41 -3.19
CA ASP A 324 -22.39 9.37 -3.27
C ASP A 324 -21.55 9.27 -4.49
C ASP A 324 -21.65 9.09 -4.57
N ALA A 325 -20.49 8.47 -4.48
CA ALA A 325 -19.71 8.16 -5.68
C ALA A 325 -20.02 6.79 -6.24
N PHE A 326 -20.19 5.79 -5.36
CA PHE A 326 -20.34 4.38 -5.75
C PHE A 326 -21.67 3.83 -5.25
N GLU A 327 -22.58 3.56 -6.18
CA GLU A 327 -23.84 2.90 -5.81
C GLU A 327 -23.56 1.55 -5.18
N ASP A 328 -24.18 1.28 -4.01
CA ASP A 328 -23.92 0.05 -3.28
C ASP A 328 -22.42 -0.06 -2.97
N PRO A 329 -21.84 0.87 -2.23
CA PRO A 329 -20.37 0.94 -2.11
C PRO A 329 -19.77 -0.26 -1.43
N ASP A 330 -20.54 -0.98 -0.62
CA ASP A 330 -20.03 -2.13 0.09
C ASP A 330 -20.28 -3.42 -0.66
N VAL A 331 -20.60 -3.33 -1.95
CA VAL A 331 -20.79 -4.49 -2.82
C VAL A 331 -19.60 -4.60 -3.76
N PHE A 332 -19.02 -5.79 -3.83
CA PHE A 332 -17.94 -6.05 -4.77
C PHE A 332 -18.57 -6.32 -6.13
N ARG A 333 -18.38 -5.40 -7.07
CA ARG A 333 -19.07 -5.42 -8.36
C ARG A 333 -18.01 -5.25 -9.45
N PRO A 334 -17.41 -6.36 -9.90
CA PRO A 334 -16.26 -6.26 -10.83
C PRO A 334 -16.56 -5.55 -12.14
N GLY A 335 -17.80 -5.52 -12.60
CA GLY A 335 -17.99 -4.81 -13.85
C GLY A 335 -18.31 -3.34 -13.72
N ARG A 336 -18.28 -2.82 -12.50
CA ARG A 336 -18.39 -1.40 -12.24
C ARG A 336 -17.60 -0.63 -13.27
N GLU A 337 -18.25 0.30 -13.98
CA GLU A 337 -17.52 1.02 -15.02
C GLU A 337 -16.73 2.19 -14.44
N GLY A 338 -17.29 2.85 -13.45
CA GLY A 338 -16.64 3.94 -12.75
C GLY A 338 -17.51 4.30 -11.58
N PRO A 339 -17.19 5.42 -10.92
CA PRO A 339 -16.09 6.33 -11.29
C PRO A 339 -14.71 5.81 -10.85
N MET A 340 -13.68 6.64 -11.05
CA MET A 340 -12.31 6.23 -10.77
C MET A 340 -12.08 6.10 -9.27
N HIS A 341 -11.35 5.06 -8.86
CA HIS A 341 -11.18 4.80 -7.44
C HIS A 341 -9.95 5.55 -6.90
N PHE A 342 -9.83 5.56 -5.57
CA PHE A 342 -8.73 6.20 -4.85
C PHE A 342 -7.74 5.18 -4.29
N GLY A 343 -7.78 3.94 -4.75
CA GLY A 343 -6.85 2.93 -4.25
C GLY A 343 -5.38 3.29 -4.44
N PHE A 344 -5.08 4.06 -5.48
CA PHE A 344 -3.72 4.57 -5.70
C PHE A 344 -3.61 6.05 -5.36
N GLY A 345 -4.61 6.63 -4.72
CA GLY A 345 -4.52 8.04 -4.39
C GLY A 345 -5.00 8.90 -5.54
N ARG A 346 -4.48 10.11 -5.62
CA ARG A 346 -5.02 11.10 -6.55
C ARG A 346 -4.03 12.23 -6.72
N GLY A 347 -3.88 12.69 -7.97
CA GLY A 347 -3.14 13.91 -8.23
C GLY A 347 -1.64 13.73 -8.36
N ARG A 348 -0.91 14.78 -7.94
CA ARG A 348 0.54 14.79 -8.00
C ARG A 348 1.17 13.48 -7.53
N HIS A 349 0.69 12.98 -6.39
CA HIS A 349 1.34 11.88 -5.69
C HIS A 349 0.66 10.54 -5.93
N PHE A 350 -0.20 10.46 -6.96
CA PHE A 350 -0.74 9.20 -7.40
C PHE A 350 0.37 8.15 -7.51
N CYS A 351 0.09 6.96 -7.01
CA CYS A 351 1.13 5.96 -6.81
C CYS A 351 1.97 5.76 -8.08
N PRO A 352 3.27 6.08 -8.05
CA PRO A 352 4.11 5.83 -9.23
C PRO A 352 4.34 4.34 -9.50
N GLY A 353 4.06 3.49 -8.53
CA GLY A 353 4.13 2.06 -8.77
C GLY A 353 2.85 1.46 -9.30
N ASN A 354 1.86 2.27 -9.69
CA ASN A 354 0.52 1.73 -9.97
C ASN A 354 0.56 0.68 -11.10
N ARG A 355 1.43 0.88 -12.09
CA ARG A 355 1.45 -0.05 -13.21
C ARG A 355 2.02 -1.40 -12.79
N LEU A 356 3.08 -1.39 -11.98
N LEU A 356 3.07 -1.38 -11.97
N LEU A 356 3.06 -1.38 -11.96
CA LEU A 356 3.61 -2.64 -11.45
CA LEU A 356 3.62 -2.63 -11.44
CA LEU A 356 3.62 -2.62 -11.45
C LEU A 356 2.63 -3.29 -10.49
C LEU A 356 2.64 -3.29 -10.48
C LEU A 356 2.68 -3.29 -10.44
N ALA A 357 2.01 -2.49 -9.62
CA ALA A 357 0.99 -3.02 -8.72
C ALA A 357 -0.13 -3.72 -9.50
N ARG A 358 -0.69 -3.03 -10.50
CA ARG A 358 -1.74 -3.63 -11.30
C ARG A 358 -1.26 -4.90 -11.97
N CYS A 359 0.03 -4.93 -12.37
CA CYS A 359 0.55 -6.11 -13.03
C CYS A 359 0.53 -7.32 -12.10
N VAL A 360 0.99 -7.13 -10.86
N VAL A 360 0.99 -7.14 -10.85
CA VAL A 360 1.02 -8.23 -9.90
CA VAL A 360 1.02 -8.26 -9.92
C VAL A 360 -0.39 -8.60 -9.47
C VAL A 360 -0.38 -8.60 -9.44
N ILE A 361 -1.26 -7.59 -9.30
CA ILE A 361 -2.64 -7.86 -8.92
C ILE A 361 -3.32 -8.70 -9.99
N GLU A 362 -3.17 -8.28 -11.26
CA GLU A 362 -3.77 -9.02 -12.36
C GLU A 362 -3.24 -10.46 -12.43
N ALA A 363 -1.93 -10.64 -12.29
CA ALA A 363 -1.38 -12.00 -12.28
C ALA A 363 -2.04 -12.85 -11.19
N THR A 364 -2.23 -12.27 -10.01
CA THR A 364 -2.88 -12.97 -8.92
C THR A 364 -4.34 -13.29 -9.25
N VAL A 365 -5.08 -12.32 -9.76
CA VAL A 365 -6.49 -12.56 -10.12
C VAL A 365 -6.57 -13.70 -11.13
N ARG A 366 -5.70 -13.71 -12.14
CA ARG A 366 -5.78 -14.73 -13.17
C ARG A 366 -5.42 -16.11 -12.62
N ALA A 367 -4.44 -16.19 -11.72
CA ALA A 367 -4.11 -17.46 -11.08
C ALA A 367 -5.31 -18.03 -10.32
N VAL A 368 -6.12 -17.16 -9.72
CA VAL A 368 -7.32 -17.63 -9.04
C VAL A 368 -8.40 -17.97 -10.05
N ALA A 369 -8.61 -17.07 -11.03
CA ALA A 369 -9.72 -17.27 -11.97
C ALA A 369 -9.53 -18.56 -12.76
N ARG A 370 -8.28 -18.95 -13.00
CA ARG A 370 -8.04 -20.22 -13.67
C ARG A 370 -8.44 -21.44 -12.83
N ARG A 371 -8.59 -21.31 -11.52
CA ARG A 371 -8.86 -22.44 -10.61
C ARG A 371 -10.04 -22.14 -9.69
N PRO A 372 -11.27 -22.15 -10.23
CA PRO A 372 -12.43 -21.78 -9.41
C PRO A 372 -12.72 -22.75 -8.28
N GLY A 373 -11.99 -23.87 -8.22
CA GLY A 373 -12.06 -24.79 -7.10
C GLY A 373 -11.33 -24.33 -5.85
N LEU A 374 -10.60 -23.23 -5.94
CA LEU A 374 -9.94 -22.66 -4.76
C LEU A 374 -10.97 -22.01 -3.86
N ARG A 375 -10.96 -22.38 -2.58
CA ARG A 375 -11.94 -21.88 -1.64
C ARG A 375 -11.26 -21.49 -0.32
N LEU A 376 -11.86 -20.52 0.36
CA LEU A 376 -11.50 -20.28 1.75
C LEU A 376 -11.89 -21.48 2.60
N ALA A 377 -11.02 -21.85 3.55
CA ALA A 377 -11.18 -23.06 4.37
C ALA A 377 -11.99 -22.81 5.64
N VAL A 378 -12.22 -21.55 5.99
CA VAL A 378 -12.97 -21.13 7.17
C VAL A 378 -13.82 -19.92 6.76
N ALA A 379 -14.77 -19.57 7.64
CA ALA A 379 -15.61 -18.41 7.40
C ALA A 379 -14.80 -17.12 7.56
N PRO A 380 -15.14 -16.07 6.79
CA PRO A 380 -14.37 -14.83 6.90
C PRO A 380 -14.22 -14.29 8.31
N GLU A 381 -15.23 -14.44 9.19
CA GLU A 381 -15.06 -13.94 10.55
C GLU A 381 -14.05 -14.74 11.34
N GLU A 382 -13.64 -15.90 10.83
N GLU A 382 -13.66 -15.92 10.87
CA GLU A 382 -12.70 -16.77 11.49
CA GLU A 382 -12.66 -16.69 11.60
C GLU A 382 -11.25 -16.45 11.10
C GLU A 382 -11.25 -16.24 11.30
N ILE A 383 -11.05 -15.44 10.24
CA ILE A 383 -9.71 -14.95 9.89
C ILE A 383 -9.21 -14.02 10.98
N SER A 384 -7.95 -14.16 11.37
CA SER A 384 -7.37 -13.27 12.35
C SER A 384 -6.52 -12.21 11.65
N TRP A 385 -6.46 -11.02 12.25
CA TRP A 385 -5.80 -9.87 11.63
C TRP A 385 -4.66 -9.37 12.51
N HIS A 386 -3.56 -8.96 11.87
CA HIS A 386 -2.52 -8.22 12.57
C HIS A 386 -3.08 -6.88 13.02
N GLU A 387 -3.07 -6.61 14.33
CA GLU A 387 -3.66 -5.37 14.83
C GLU A 387 -2.61 -4.27 14.91
N GLY A 388 -2.98 -3.07 14.48
CA GLY A 388 -2.12 -1.91 14.57
C GLY A 388 -1.36 -1.56 13.31
N LEU A 389 -1.33 -2.45 12.30
CA LEU A 389 -0.58 -2.15 11.08
C LEU A 389 -1.22 -0.99 10.32
N PHE A 390 -0.38 -0.13 9.73
CA PHE A 390 -0.87 0.83 8.74
C PHE A 390 -1.53 0.12 7.56
N PHE A 391 -0.93 -0.97 7.11
CA PHE A 391 -1.41 -1.71 5.95
C PHE A 391 -1.95 -3.05 6.44
N ARG A 392 -3.29 -3.15 6.48
CA ARG A 392 -3.97 -4.34 6.99
C ARG A 392 -3.41 -5.59 6.37
N ARG A 393 -3.31 -6.65 7.18
CA ARG A 393 -2.94 -7.95 6.66
C ARG A 393 -3.44 -9.03 7.60
N PRO A 394 -4.09 -10.08 7.08
CA PRO A 394 -4.50 -11.20 7.94
C PRO A 394 -3.28 -12.00 8.39
N ARG A 395 -3.42 -12.66 9.55
N ARG A 395 -3.43 -12.67 9.53
CA ARG A 395 -2.36 -13.55 10.02
CA ARG A 395 -2.35 -13.55 10.02
C ARG A 395 -2.15 -14.73 9.09
C ARG A 395 -2.15 -14.75 9.10
N ALA A 396 -3.23 -15.21 8.45
CA ALA A 396 -3.16 -16.34 7.54
C ALA A 396 -4.40 -16.29 6.66
N ILE A 397 -4.33 -16.97 5.51
CA ILE A 397 -5.52 -17.12 4.67
C ILE A 397 -5.69 -18.60 4.43
N PRO A 398 -6.37 -19.32 5.33
CA PRO A 398 -6.51 -20.77 5.16
C PRO A 398 -7.40 -21.06 3.97
N ALA A 399 -6.91 -21.86 3.04
CA ALA A 399 -7.65 -22.17 1.82
C ALA A 399 -7.59 -23.67 1.57
N THR A 400 -8.47 -24.13 0.67
CA THR A 400 -8.59 -25.55 0.36
C THR A 400 -9.11 -25.71 -1.07
N TRP A 401 -8.99 -26.91 -1.61
CA TRP A 401 -9.47 -27.20 -2.96
C TRP A 401 -10.81 -27.94 -2.88
N HIS A 402 -11.84 -27.37 -3.53
CA HIS A 402 -13.07 -28.13 -3.79
C HIS A 402 -12.89 -29.07 -4.99
N HIS A 403 -12.09 -28.67 -5.97
CA HIS A 403 -11.84 -29.45 -7.17
C HIS A 403 -10.64 -28.82 -7.86
N HIS A 404 -10.13 -29.49 -8.90
CA HIS A 404 -8.91 -29.04 -9.56
C HIS A 404 -9.13 -28.59 -10.99
N HIS A 405 -10.33 -28.13 -11.32
CA HIS A 405 -10.58 -27.64 -12.67
C HIS A 405 -9.75 -26.40 -12.93
N HIS A 406 -9.08 -26.35 -14.08
CA HIS A 406 -8.23 -25.20 -14.38
C HIS A 406 -8.08 -25.04 -15.89
N HIS A 407 -8.12 -23.78 -16.34
CA HIS A 407 -7.75 -23.40 -17.71
C HIS A 407 -7.86 -21.88 -17.84
CHA HEM B . 2.33 6.25 -3.06
CHB HEM B . 5.61 3.22 -4.95
CHC HEM B . 2.48 -0.44 -4.57
CHD HEM B . -0.93 2.70 -3.22
C1A HEM B . 3.52 5.72 -3.50
C2A HEM B . 4.78 6.43 -3.51
C3A HEM B . 5.70 5.60 -4.03
C4A HEM B . 5.05 4.35 -4.38
CMA HEM B . 7.20 5.90 -4.26
CAA HEM B . 4.92 7.88 -2.99
CBA HEM B . 4.62 8.85 -4.13
CGA HEM B . 4.65 10.31 -3.74
O1A HEM B . 4.40 10.63 -2.54
O2A HEM B . 4.86 11.16 -4.64
C1B HEM B . 5.07 1.97 -5.01
C2B HEM B . 5.73 0.78 -5.53
C3B HEM B . 4.86 -0.24 -5.40
C4B HEM B . 3.62 0.28 -4.84
CMB HEM B . 7.20 0.79 -6.06
CAB HEM B . 5.00 -1.73 -5.79
CBB HEM B . 6.07 -2.16 -6.47
C1C HEM B . 1.27 0.07 -4.17
C2C HEM B . 0.03 -0.67 -3.97
C3C HEM B . -0.89 0.23 -3.60
C4C HEM B . -0.28 1.53 -3.55
CMC HEM B . -0.17 -2.21 -4.13
CAC HEM B . -2.40 0.03 -3.26
CBC HEM B . -2.97 -1.17 -3.47
C1D HEM B . -0.36 3.93 -3.07
C2D HEM B . -1.05 5.16 -2.69
C3D HEM B . -0.15 6.14 -2.63
C4D HEM B . 1.14 5.58 -3.00
CMD HEM B . -2.57 5.28 -2.38
CAD HEM B . -0.45 7.64 -2.33
CBD HEM B . 0.01 8.11 -0.97
CGD HEM B . -0.18 9.62 -0.87
O1D HEM B . 0.54 10.21 -0.06
O2D HEM B . -1.04 10.22 -1.59
NA HEM B . 3.72 4.45 -4.03
NB HEM B . 3.78 1.63 -4.63
NC HEM B . 1.04 1.41 -3.91
ND HEM B . 0.98 4.23 -3.27
FE HEM B . 2.32 3.00 -4.18
C10 RQB C . 0.12 5.74 7.13
C13 RQB C . 1.01 7.96 7.30
C15 RQB C . 0.32 7.36 5.14
C17 RQB C . -0.85 4.73 1.49
C20 RQB C . 0.22 2.78 -0.20
C21 RQB C . -1.15 2.77 0.08
C22 RQB C . -1.70 3.76 0.96
C01 RQB C . -4.19 3.21 1.06
C03 RQB C . -3.00 5.06 2.21
C04 RQB C . -1.68 5.56 2.30
C05 RQB C . -1.15 6.78 3.11
C06 RQB C . -0.33 6.18 4.30
C08 RQB C . -1.08 5.05 6.64
C11 RQB C . -0.15 6.18 8.45
C12 RQB C . 0.81 7.33 8.70
C18 RQB C . 0.53 4.75 1.21
C19 RQB C . 1.07 3.75 0.36
N02 RQB C . -2.99 4.00 1.40
N07 RQB C . -1.39 5.24 5.06
N14 RQB C . 0.49 7.06 6.42
O09 RQB C . -1.79 4.39 7.30
O16 RQB C . 0.63 8.39 4.67
H101 RQB C . 0.96 5.06 7.06
H132 RQB C . 2.09 7.99 7.12
H131 RQB C . 0.39 8.85 7.26
H201 RQB C . 0.64 2.03 -0.83
H211 RQB C . -1.79 2.02 -0.37
H011 RQB C . -4.89 3.22 1.90
H013 RQB C . -3.90 2.18 0.85
H012 RQB C . -4.68 3.64 0.18
H031 RQB C . -3.87 5.47 2.70
H052 RQB C . -0.53 7.41 2.50
H051 RQB C . -1.99 7.36 3.49
H061 RQB C . 0.51 5.60 3.99
H112 RQB C . 0.02 5.38 9.15
H111 RQB C . -1.18 6.53 8.50
H122 RQB C . 1.76 6.89 8.99
H121 RQB C . 0.28 8.06 9.31
H181 RQB C . 1.17 5.52 1.63
H191 RQB C . 2.13 3.74 0.13
H071 RQB C . -2.35 5.38 4.82
C10 RQB D . 10.36 7.21 4.36
C13 RQB D . 9.26 6.06 6.13
C15 RQB D . 7.99 7.84 5.23
C17 RQB D . 5.17 6.75 3.63
C20 RQB D . 3.64 4.48 4.35
C21 RQB D . 4.13 4.59 3.05
C22 RQB D . 4.90 5.74 2.71
C01 RQB D . 5.40 5.23 0.32
C03 RQB D . 6.13 7.24 1.61
C04 RQB D . 5.97 7.73 2.94
C05 RQB D . 6.50 9.07 3.53
C06 RQB D . 8.00 9.00 4.12
C08 RQB D . 10.24 7.88 3.04
C11 RQB D . 10.91 5.94 4.33
C12 RQB D . 10.62 5.39 5.76
C18 RQB D . 4.66 6.62 4.95
C19 RQB D . 3.89 5.49 5.29
N02 RQB D . 5.49 6.07 1.52
N07 RQB D . 8.99 8.86 2.87
N14 RQB D . 9.10 7.10 5.24
O09 RQB D . 11.02 7.78 2.15
O16 RQB D . 7.08 7.73 5.95
H101 RQB D . 11.07 7.87 4.87
H132 RQB D . 9.40 6.51 7.12
H131 RQB D . 8.49 5.34 5.92
H201 RQB D . 3.07 3.61 4.63
H211 RQB D . 3.93 3.82 2.32
H011 RQB D . 5.47 5.86 -0.57
H013 RQB D . 4.44 4.70 0.31
H012 RQB D . 6.22 4.50 0.31
H031 RQB D . 6.67 7.73 0.82
H052 RQB D . 6.49 9.82 2.74
H051 RQB D . 5.85 9.39 4.32
H061 RQB D . 8.30 9.88 4.62
H112 RQB D . 11.98 5.99 4.16
H111 RQB D . 10.43 5.33 3.59
H122 RQB D . 11.38 5.81 6.42
H121 RQB D . 10.44 4.32 5.66
H181 RQB D . 4.85 7.40 5.68
H191 RQB D . 3.49 5.39 6.30
H071 RQB D . 9.21 9.72 2.40
ZN ZN E . -14.10 -24.05 -16.93
#